data_2X8A
#
_entry.id   2X8A
#
_cell.length_a   77.989
_cell.length_b   77.989
_cell.length_c   86.038
_cell.angle_alpha   90.00
_cell.angle_beta   90.00
_cell.angle_gamma   120.00
#
_symmetry.space_group_name_H-M   'P 61'
#
loop_
_entity.id
_entity.type
_entity.pdbx_description
1 polymer 'NUCLEAR VALOSIN-CONTAINING PROTEIN-LIKE'
2 non-polymer 'PHOSPHATE ION'
3 water water
#
_entity_poly.entity_id   1
_entity_poly.type   'polypeptide(L)'
_entity_poly.pdbx_seq_one_letter_code
;SMTVPNVTWADIGALEDIREELTMAILAPVRNPDQFKALGLVTPAGVLLAGPPGCGKTLLAKAVANESGLNFISVKGPEL
LNMYVGESERAVRQVFQRAKNSAPCVIFFDEVDALCPRRSDRETGASVRVVNQLLTEMDGLEARQQVFIMAATNRPDIID
PAILRPGRLDKTLFVGLPPPADRLAILKTITKNGTKPPLDADVNLEAIAGDLRCDCYTGADLSALVREASICALRQEMAR
QKSGNEKGELKVSHKHFEEAFKKVRSSISKKDQI
;
_entity_poly.pdbx_strand_id   A
#
loop_
_chem_comp.id
_chem_comp.type
_chem_comp.name
_chem_comp.formula
PO4 non-polymer 'PHOSPHATE ION' 'O4 P -3'
#
# COMPACT_ATOMS: atom_id res chain seq x y z
N ILE A 12 -6.08 -12.87 -9.64
CA ILE A 12 -5.76 -12.23 -8.35
C ILE A 12 -4.50 -12.86 -7.74
N GLY A 13 -3.73 -12.04 -7.00
CA GLY A 13 -2.50 -12.45 -6.33
C GLY A 13 -2.31 -11.81 -4.97
N ALA A 14 -1.46 -10.78 -4.89
CA ALA A 14 -1.16 -10.06 -3.65
C ALA A 14 -2.33 -9.18 -3.18
N LEU A 15 -3.15 -8.63 -4.10
CA LEU A 15 -4.32 -7.78 -3.77
C LEU A 15 -5.28 -8.51 -2.85
N GLU A 16 -5.65 -9.75 -3.23
CA GLU A 16 -6.57 -10.64 -2.51
C GLU A 16 -5.99 -11.01 -1.12
N ASP A 17 -4.66 -11.09 -0.99
CA ASP A 17 -4.04 -11.41 0.30
C ASP A 17 -4.10 -10.20 1.24
N ILE A 18 -3.74 -9.00 0.72
CA ILE A 18 -3.74 -7.72 1.46
C ILE A 18 -5.20 -7.38 1.89
N ARG A 19 -6.19 -7.65 1.01
CA ARG A 19 -7.61 -7.47 1.25
C ARG A 19 -8.08 -8.23 2.50
N GLU A 20 -7.74 -9.53 2.57
CA GLU A 20 -8.12 -10.44 3.65
C GLU A 20 -7.46 -10.06 4.97
N GLU A 21 -6.23 -9.53 4.94
CA GLU A 21 -5.53 -9.18 6.17
C GLU A 21 -6.05 -7.89 6.77
N LEU A 22 -6.68 -7.05 5.96
CA LEU A 22 -7.23 -5.79 6.46
C LEU A 22 -8.58 -6.03 7.10
N THR A 23 -9.43 -6.80 6.41
CA THR A 23 -10.78 -7.17 6.84
C THR A 23 -10.75 -7.86 8.20
N MET A 24 -9.75 -8.75 8.43
CA MET A 24 -9.59 -9.52 9.66
C MET A 24 -8.90 -8.73 10.78
N ALA A 25 -8.72 -7.42 10.61
CA ALA A 25 -8.06 -6.59 11.62
C ALA A 25 -8.78 -5.27 11.83
N ILE A 26 -9.65 -4.89 10.88
CA ILE A 26 -10.35 -3.62 10.96
C ILE A 26 -11.89 -3.77 10.71
N LEU A 27 -12.34 -4.86 10.05
CA LEU A 27 -13.77 -5.04 9.80
C LEU A 27 -14.34 -6.15 10.67
N ALA A 28 -13.86 -7.41 10.49
CA ALA A 28 -14.27 -8.59 11.25
C ALA A 28 -14.21 -8.40 12.78
N PRO A 29 -13.11 -7.89 13.42
CA PRO A 29 -13.13 -7.74 14.90
C PRO A 29 -14.19 -6.75 15.40
N VAL A 30 -14.43 -5.63 14.68
CA VAL A 30 -15.42 -4.64 15.11
C VAL A 30 -16.83 -5.18 14.86
N ARG A 31 -17.07 -5.73 13.65
CA ARG A 31 -18.37 -6.25 13.23
C ARG A 31 -18.81 -7.52 13.98
N ASN A 32 -17.88 -8.42 14.37
CA ASN A 32 -18.21 -9.66 15.10
C ASN A 32 -17.29 -9.80 16.33
N PRO A 33 -17.42 -8.95 17.38
CA PRO A 33 -16.44 -8.99 18.48
C PRO A 33 -16.49 -10.25 19.36
N ASP A 34 -17.69 -10.78 19.57
CA ASP A 34 -17.85 -11.94 20.42
C ASP A 34 -17.39 -13.18 19.69
N GLN A 35 -17.62 -13.25 18.36
CA GLN A 35 -17.15 -14.37 17.52
C GLN A 35 -15.61 -14.31 17.40
N PHE A 36 -15.03 -13.13 17.10
CA PHE A 36 -13.59 -12.91 16.97
C PHE A 36 -12.83 -13.27 18.27
N LYS A 37 -13.28 -12.73 19.43
CA LYS A 37 -12.61 -12.96 20.71
C LYS A 37 -12.85 -14.38 21.25
N ALA A 38 -13.89 -15.10 20.74
CA ALA A 38 -14.20 -16.49 21.13
C ALA A 38 -13.23 -17.46 20.46
N LEU A 39 -12.82 -17.20 19.19
CA LEU A 39 -11.84 -18.03 18.46
C LEU A 39 -10.38 -17.76 18.93
N GLY A 40 -10.18 -16.87 19.89
CA GLY A 40 -8.87 -16.54 20.43
C GLY A 40 -8.01 -15.66 19.53
N LEU A 41 -8.65 -15.04 18.52
CA LEU A 41 -8.02 -14.13 17.57
C LEU A 41 -7.65 -12.82 18.23
N VAL A 42 -6.51 -12.27 17.85
CA VAL A 42 -5.92 -11.03 18.37
C VAL A 42 -5.36 -10.29 17.19
N THR A 43 -5.81 -9.07 16.91
CA THR A 43 -5.32 -8.35 15.74
C THR A 43 -3.84 -8.05 15.83
N PRO A 44 -3.07 -8.37 14.77
CA PRO A 44 -1.65 -7.99 14.79
C PRO A 44 -1.52 -6.50 14.50
N ALA A 45 -0.42 -5.85 14.92
CA ALA A 45 -0.22 -4.42 14.63
C ALA A 45 -0.34 -4.16 13.13
N GLY A 46 0.34 -4.99 12.32
CA GLY A 46 0.30 -4.91 10.86
C GLY A 46 0.77 -6.12 10.09
N VAL A 47 1.16 -5.88 8.84
CA VAL A 47 1.67 -6.87 7.87
C VAL A 47 2.93 -6.32 7.23
N LEU A 48 3.75 -7.22 6.71
CA LEU A 48 4.98 -6.82 6.01
C LEU A 48 4.85 -7.20 4.56
N LEU A 49 5.02 -6.20 3.68
CA LEU A 49 4.98 -6.41 2.24
C LEU A 49 6.42 -6.58 1.80
N ALA A 50 6.71 -7.70 1.14
CA ALA A 50 8.09 -8.03 0.69
C ALA A 50 8.15 -8.38 -0.79
N GLY A 51 9.19 -7.87 -1.44
CA GLY A 51 9.43 -8.10 -2.86
C GLY A 51 10.23 -6.98 -3.47
N PRO A 52 10.76 -7.18 -4.70
CA PRO A 52 11.54 -6.10 -5.36
C PRO A 52 10.77 -4.79 -5.54
N PRO A 53 11.46 -3.63 -5.54
CA PRO A 53 10.74 -2.35 -5.69
C PRO A 53 10.11 -2.20 -7.08
N GLY A 54 9.00 -1.49 -7.13
CA GLY A 54 8.23 -1.26 -8.35
C GLY A 54 7.13 -2.27 -8.57
N CYS A 55 6.90 -3.19 -7.60
CA CYS A 55 5.85 -4.19 -7.77
C CYS A 55 4.45 -3.72 -7.34
N GLY A 56 4.36 -2.54 -6.73
CA GLY A 56 3.08 -1.96 -6.34
C GLY A 56 2.60 -2.16 -4.92
N LYS A 57 3.55 -2.34 -3.98
CA LYS A 57 3.29 -2.51 -2.54
C LYS A 57 2.43 -1.34 -2.02
N THR A 58 2.86 -0.10 -2.31
CA THR A 58 2.17 1.15 -1.92
C THR A 58 0.75 1.24 -2.58
N LEU A 59 0.65 1.01 -3.91
CA LEU A 59 -0.60 1.12 -4.65
C LEU A 59 -1.65 0.11 -4.22
N LEU A 60 -1.23 -1.15 -3.92
CA LEU A 60 -2.16 -2.20 -3.48
C LEU A 60 -2.64 -1.94 -2.05
N ALA A 61 -1.78 -1.32 -1.22
CA ALA A 61 -2.09 -0.92 0.14
C ALA A 61 -3.16 0.17 0.11
N LYS A 62 -2.98 1.16 -0.79
CA LYS A 62 -3.90 2.28 -0.99
C LYS A 62 -5.19 1.78 -1.64
N ALA A 63 -5.11 0.75 -2.50
CA ALA A 63 -6.25 0.18 -3.21
C ALA A 63 -7.24 -0.48 -2.27
N VAL A 64 -6.72 -1.29 -1.33
CA VAL A 64 -7.42 -2.08 -0.31
C VAL A 64 -8.10 -1.14 0.70
N ALA A 65 -7.37 -0.08 1.14
CA ALA A 65 -7.87 0.96 2.06
C ALA A 65 -9.08 1.68 1.47
N ASN A 66 -8.96 2.06 0.19
CA ASN A 66 -9.98 2.76 -0.56
C ASN A 66 -11.27 1.98 -0.65
N GLU A 67 -11.23 0.80 -1.29
CA GLU A 67 -12.39 -0.08 -1.49
C GLU A 67 -13.12 -0.44 -0.15
N SER A 68 -12.41 -0.40 1.00
CA SER A 68 -12.95 -0.65 2.34
C SER A 68 -13.41 0.66 3.06
N GLY A 69 -13.22 1.81 2.42
CA GLY A 69 -13.60 3.12 2.95
C GLY A 69 -12.74 3.58 4.12
N LEU A 70 -11.45 3.18 4.11
CA LEU A 70 -10.46 3.48 5.16
C LEU A 70 -9.52 4.63 4.78
N ASN A 71 -8.97 5.30 5.79
CA ASN A 71 -8.03 6.37 5.57
C ASN A 71 -6.66 5.75 5.35
N PHE A 72 -5.73 6.54 4.81
CA PHE A 72 -4.37 6.09 4.54
C PHE A 72 -3.39 7.17 4.94
N ILE A 73 -2.42 6.85 5.80
CA ILE A 73 -1.34 7.75 6.23
C ILE A 73 0.00 7.07 5.91
N SER A 74 0.85 7.75 5.14
CA SER A 74 2.15 7.21 4.72
C SER A 74 3.28 7.78 5.57
N VAL A 75 4.39 7.04 5.65
CA VAL A 75 5.63 7.37 6.36
C VAL A 75 6.75 6.80 5.53
N LYS A 76 7.69 7.64 5.13
CA LYS A 76 8.85 7.16 4.39
C LYS A 76 9.94 6.88 5.42
N GLY A 77 10.55 5.70 5.30
CA GLY A 77 11.64 5.23 6.15
C GLY A 77 12.83 6.18 6.23
N PRO A 78 13.49 6.55 5.09
CA PRO A 78 14.63 7.47 5.18
C PRO A 78 14.24 8.92 5.52
N GLU A 79 13.01 9.36 5.18
CA GLU A 79 12.50 10.73 5.44
C GLU A 79 12.33 11.00 6.94
N LEU A 80 12.03 9.95 7.72
CA LEU A 80 11.82 10.01 9.16
C LEU A 80 13.12 10.25 9.94
N LEU A 81 14.28 10.26 9.25
CA LEU A 81 15.59 10.54 9.88
C LEU A 81 15.89 12.05 9.77
N ASN A 82 14.84 12.88 10.01
CA ASN A 82 14.81 14.35 10.00
C ASN A 82 15.71 14.93 11.11
N MET A 83 15.46 14.49 12.35
CA MET A 83 16.23 14.81 13.55
C MET A 83 16.71 13.50 14.10
N TYR A 84 18.03 13.29 14.06
CA TYR A 84 18.68 12.05 14.48
C TYR A 84 18.42 11.81 15.99
N VAL A 85 17.55 10.78 16.26
CA VAL A 85 17.04 10.29 17.56
C VAL A 85 15.88 11.21 18.04
N GLY A 86 16.05 12.53 17.90
CA GLY A 86 15.11 13.58 18.31
C GLY A 86 13.67 13.52 17.82
N GLU A 87 13.32 14.42 16.87
CA GLU A 87 11.96 14.56 16.32
C GLU A 87 11.46 13.32 15.56
N SER A 88 12.33 12.29 15.38
CA SER A 88 11.98 11.03 14.75
C SER A 88 10.97 10.27 15.61
N GLU A 89 11.30 10.08 16.91
CA GLU A 89 10.46 9.41 17.90
C GLU A 89 9.13 10.15 18.12
N ARG A 90 9.18 11.50 18.12
CA ARG A 90 8.00 12.35 18.27
C ARG A 90 7.08 12.18 17.04
N ALA A 91 7.68 12.06 15.82
CA ALA A 91 6.94 11.84 14.57
C ALA A 91 6.26 10.47 14.62
N VAL A 92 7.02 9.40 15.01
CA VAL A 92 6.50 8.04 15.20
C VAL A 92 5.19 8.13 16.00
N ARG A 93 5.28 8.74 17.21
CA ARG A 93 4.22 9.00 18.18
C ARG A 93 3.07 9.83 17.59
N GLN A 94 3.35 10.76 16.64
CA GLN A 94 2.34 11.61 16.03
C GLN A 94 1.55 10.83 14.97
N VAL A 95 2.25 10.01 14.14
CA VAL A 95 1.63 9.20 13.09
C VAL A 95 0.64 8.17 13.68
N PHE A 96 1.01 7.58 14.84
CA PHE A 96 0.11 6.64 15.50
C PHE A 96 -1.08 7.42 16.07
N GLN A 97 -0.82 8.62 16.61
CA GLN A 97 -1.85 9.50 17.17
C GLN A 97 -2.82 9.97 16.06
N ARG A 98 -2.27 10.46 14.92
CA ARG A 98 -3.02 10.93 13.75
C ARG A 98 -3.96 9.84 13.22
N ALA A 99 -3.47 8.59 13.15
CA ALA A 99 -4.20 7.42 12.71
C ALA A 99 -5.41 7.10 13.61
N LYS A 100 -5.25 7.28 14.95
CA LYS A 100 -6.29 6.99 15.94
C LYS A 100 -7.45 8.00 15.80
N ASN A 101 -7.13 9.31 15.64
CA ASN A 101 -8.12 10.37 15.40
C ASN A 101 -8.89 10.18 14.06
N SER A 102 -8.23 9.57 13.04
CA SER A 102 -8.79 9.34 11.70
C SER A 102 -9.08 7.84 11.41
N ALA A 103 -9.41 7.09 12.47
CA ALA A 103 -9.75 5.67 12.41
C ALA A 103 -11.09 5.44 11.69
N PRO A 104 -11.29 4.37 10.86
CA PRO A 104 -10.31 3.33 10.48
C PRO A 104 -9.31 3.94 9.50
N CYS A 105 -8.01 3.75 9.81
CA CYS A 105 -6.87 4.30 9.09
C CYS A 105 -5.77 3.23 8.94
N VAL A 106 -4.98 3.34 7.87
CA VAL A 106 -3.85 2.43 7.64
C VAL A 106 -2.56 3.24 7.67
N ILE A 107 -1.60 2.84 8.50
N ILE A 107 -1.61 2.83 8.53
CA ILE A 107 -0.32 3.54 8.66
CA ILE A 107 -0.29 3.46 8.61
C ILE A 107 0.80 2.78 7.88
C ILE A 107 0.63 2.66 7.72
N PHE A 108 1.14 3.30 6.67
CA PHE A 108 2.11 2.68 5.77
C PHE A 108 3.51 3.11 6.09
N PHE A 109 4.37 2.14 6.39
CA PHE A 109 5.77 2.42 6.63
C PHE A 109 6.52 1.95 5.42
N ASP A 110 6.70 2.88 4.47
CA ASP A 110 7.40 2.64 3.21
C ASP A 110 8.88 2.51 3.50
N GLU A 111 9.51 1.47 2.94
CA GLU A 111 10.94 1.13 3.12
C GLU A 111 11.22 1.06 4.61
N VAL A 112 10.52 0.12 5.30
CA VAL A 112 10.63 -0.14 6.74
C VAL A 112 12.05 -0.62 7.09
N ASP A 113 12.73 -1.26 6.11
CA ASP A 113 14.13 -1.72 6.22
C ASP A 113 15.03 -0.51 6.35
N ALA A 114 16.27 -0.72 6.84
CA ALA A 114 17.27 0.34 7.08
C ALA A 114 16.78 1.41 8.11
N LEU A 115 15.43 1.47 8.38
CA LEU A 115 14.80 2.25 9.46
C LEU A 115 14.85 1.36 10.70
N CYS A 116 14.70 0.04 10.47
CA CYS A 116 14.81 -1.06 11.43
C CYS A 116 15.86 -2.06 10.92
N PRO A 117 17.16 -1.70 10.89
CA PRO A 117 18.15 -2.69 10.42
C PRO A 117 18.58 -3.63 11.55
N SER A 127 18.50 4.42 14.51
CA SER A 127 18.47 4.54 15.96
C SER A 127 17.98 3.25 16.63
N VAL A 128 18.69 2.82 17.71
CA VAL A 128 18.40 1.60 18.48
C VAL A 128 17.18 1.82 19.43
N ARG A 129 16.69 3.06 19.54
CA ARG A 129 15.55 3.38 20.40
C ARG A 129 14.26 3.64 19.61
N VAL A 130 14.36 4.00 18.30
CA VAL A 130 13.17 4.22 17.47
C VAL A 130 12.54 2.86 17.17
N VAL A 131 13.33 1.78 17.23
CA VAL A 131 12.82 0.42 17.06
C VAL A 131 11.91 0.14 18.28
N ASN A 132 12.36 0.50 19.51
CA ASN A 132 11.58 0.35 20.74
C ASN A 132 10.31 1.20 20.69
N GLN A 133 10.40 2.46 20.23
CA GLN A 133 9.23 3.35 20.09
C GLN A 133 8.26 2.80 19.02
N LEU A 134 8.81 2.13 17.98
CA LEU A 134 7.98 1.53 16.96
C LEU A 134 7.29 0.30 17.56
N LEU A 135 8.04 -0.50 18.35
CA LEU A 135 7.50 -1.68 19.04
C LEU A 135 6.51 -1.26 20.12
N THR A 136 6.80 -0.15 20.84
CA THR A 136 5.94 0.42 21.89
C THR A 136 4.57 0.74 21.32
N GLU A 137 4.58 1.55 20.24
CA GLU A 137 3.41 2.05 19.55
C GLU A 137 2.65 0.94 18.89
N MET A 138 3.35 -0.09 18.42
CA MET A 138 2.69 -1.25 17.81
C MET A 138 2.01 -2.10 18.87
N ASP A 139 2.68 -2.32 20.02
CA ASP A 139 2.13 -3.06 21.16
C ASP A 139 1.01 -2.25 21.82
N GLY A 140 1.10 -0.92 21.75
CA GLY A 140 0.10 0.00 22.27
C GLY A 140 -1.22 0.00 21.53
N LEU A 141 -1.27 -0.60 20.34
CA LEU A 141 -2.46 -0.66 19.48
C LEU A 141 -3.46 -1.76 19.86
N GLU A 142 -4.76 -1.43 19.77
CA GLU A 142 -5.85 -2.36 20.07
C GLU A 142 -6.80 -2.41 18.88
N ALA A 143 -7.59 -3.49 18.79
CA ALA A 143 -8.52 -3.67 17.68
C ALA A 143 -9.56 -2.57 17.67
N ARG A 144 -9.96 -2.09 18.87
CA ARG A 144 -10.96 -1.03 19.06
C ARG A 144 -10.53 0.21 18.27
N GLN A 145 -9.22 0.56 18.34
CA GLN A 145 -8.59 1.73 17.71
C GLN A 145 -8.65 1.77 16.18
N GLN A 146 -8.98 0.63 15.51
CA GLN A 146 -9.12 0.48 14.05
C GLN A 146 -7.91 1.09 13.25
N VAL A 147 -6.69 0.73 13.63
CA VAL A 147 -5.45 1.21 12.98
C VAL A 147 -4.63 -0.02 12.53
N PHE A 148 -4.21 -0.08 11.23
CA PHE A 148 -3.47 -1.22 10.71
C PHE A 148 -2.19 -0.82 9.97
N ILE A 149 -1.05 -1.30 10.46
CA ILE A 149 0.26 -1.06 9.84
C ILE A 149 0.40 -1.93 8.59
N MET A 150 1.17 -1.41 7.63
CA MET A 150 1.59 -2.03 6.38
C MET A 150 2.97 -1.53 6.15
N ALA A 151 3.95 -2.41 6.27
CA ALA A 151 5.33 -2.05 6.06
C ALA A 151 5.82 -2.66 4.76
N ALA A 152 6.84 -2.04 4.12
CA ALA A 152 7.36 -2.51 2.84
C ALA A 152 8.86 -2.60 2.85
N THR A 153 9.37 -3.65 2.24
CA THR A 153 10.80 -3.96 2.14
C THR A 153 11.09 -4.76 0.89
N ASN A 154 12.37 -4.76 0.47
CA ASN A 154 12.84 -5.55 -0.66
C ASN A 154 13.74 -6.64 -0.11
N ARG A 155 14.02 -6.58 1.21
CA ARG A 155 14.88 -7.55 1.89
C ARG A 155 14.38 -7.78 3.34
N PRO A 156 13.43 -8.73 3.52
CA PRO A 156 12.91 -9.00 4.87
C PRO A 156 13.93 -9.67 5.80
N ASP A 157 14.90 -10.41 5.25
CA ASP A 157 15.95 -11.10 6.02
C ASP A 157 16.92 -10.09 6.70
N ILE A 158 16.83 -8.80 6.34
CA ILE A 158 17.68 -7.74 6.86
C ILE A 158 16.95 -6.92 7.97
N ILE A 159 15.59 -6.91 8.00
CA ILE A 159 14.86 -6.15 9.04
C ILE A 159 14.96 -6.85 10.41
N ASP A 160 14.68 -6.06 11.49
CA ASP A 160 14.71 -6.50 12.88
C ASP A 160 13.61 -7.59 13.09
N PRO A 161 13.98 -8.85 13.44
CA PRO A 161 12.95 -9.90 13.56
C PRO A 161 11.97 -9.68 14.74
N ALA A 162 12.25 -8.59 15.52
CA ALA A 162 11.47 -8.12 16.66
C ALA A 162 10.14 -7.57 16.18
N ILE A 163 10.19 -6.72 15.14
CA ILE A 163 9.02 -6.08 14.52
C ILE A 163 8.21 -7.11 13.78
N LEU A 164 8.77 -8.32 13.55
CA LEU A 164 8.09 -9.39 12.81
C LEU A 164 7.47 -10.44 13.73
N ARG A 165 7.86 -10.45 15.03
CA ARG A 165 7.38 -11.39 16.06
C ARG A 165 5.86 -11.33 16.16
N PRO A 166 5.14 -12.45 16.51
CA PRO A 166 3.67 -12.38 16.63
C PRO A 166 3.17 -11.15 17.42
N GLY A 167 2.04 -10.62 16.94
CA GLY A 167 1.40 -9.43 17.50
C GLY A 167 1.81 -8.15 16.81
N ARG A 168 3.01 -8.13 16.20
CA ARG A 168 3.57 -6.97 15.50
C ARG A 168 3.39 -7.18 13.98
N LEU A 169 4.46 -7.22 13.16
CA LEU A 169 4.27 -7.44 11.71
C LEU A 169 4.44 -8.93 11.35
N ASP A 170 3.68 -9.79 12.05
CA ASP A 170 3.74 -11.25 12.02
C ASP A 170 3.37 -11.89 10.69
N LYS A 171 2.49 -11.31 9.87
CA LYS A 171 2.24 -11.97 8.59
C LYS A 171 2.96 -11.19 7.50
N THR A 172 3.87 -11.88 6.80
CA THR A 172 4.66 -11.36 5.69
C THR A 172 3.89 -11.69 4.41
N LEU A 173 3.75 -10.71 3.51
CA LEU A 173 3.04 -10.94 2.25
C LEU A 173 3.99 -10.64 1.12
N PHE A 174 4.20 -11.61 0.22
N PHE A 174 4.13 -11.60 0.19
CA PHE A 174 5.16 -11.45 -0.89
CA PHE A 174 4.99 -11.54 -0.98
C PHE A 174 4.45 -10.88 -2.11
C PHE A 174 4.29 -10.78 -2.09
N VAL A 175 4.96 -9.75 -2.61
CA VAL A 175 4.41 -8.99 -3.72
C VAL A 175 5.36 -9.17 -4.90
N GLY A 176 4.87 -9.87 -5.91
CA GLY A 176 5.58 -10.11 -7.16
C GLY A 176 4.86 -9.45 -8.30
N LEU A 177 4.86 -10.09 -9.49
CA LEU A 177 4.16 -9.55 -10.66
C LEU A 177 2.64 -9.56 -10.45
N PRO A 178 1.98 -8.39 -10.55
CA PRO A 178 0.53 -8.36 -10.34
C PRO A 178 -0.31 -9.10 -11.41
N PRO A 179 -1.16 -10.07 -11.00
CA PRO A 179 -2.07 -10.73 -11.97
C PRO A 179 -3.15 -9.76 -12.49
N PRO A 180 -3.99 -10.10 -13.52
CA PRO A 180 -4.95 -9.09 -14.08
C PRO A 180 -5.89 -8.39 -13.10
N ALA A 181 -6.32 -9.06 -12.03
CA ALA A 181 -7.21 -8.45 -11.04
C ALA A 181 -6.49 -7.35 -10.21
N ASP A 182 -5.19 -7.58 -9.84
CA ASP A 182 -4.37 -6.61 -9.09
C ASP A 182 -4.04 -5.37 -9.92
N ARG A 183 -3.98 -5.53 -11.25
CA ARG A 183 -3.69 -4.47 -12.22
C ARG A 183 -4.87 -3.50 -12.33
N LEU A 184 -6.10 -4.01 -12.42
CA LEU A 184 -7.32 -3.17 -12.43
C LEU A 184 -7.44 -2.38 -11.11
N ALA A 185 -7.13 -3.02 -9.96
CA ALA A 185 -7.14 -2.42 -8.62
C ALA A 185 -6.12 -1.30 -8.52
N ILE A 186 -4.91 -1.56 -9.09
CA ILE A 186 -3.82 -0.61 -9.13
C ILE A 186 -4.26 0.58 -9.98
N LEU A 187 -4.93 0.31 -11.12
CA LEU A 187 -5.39 1.34 -12.06
C LEU A 187 -6.54 2.18 -11.49
N LYS A 188 -7.46 1.54 -10.74
CA LYS A 188 -8.58 2.23 -10.08
C LYS A 188 -8.08 3.16 -8.94
N THR A 189 -6.82 3.00 -8.51
CA THR A 189 -6.20 3.79 -7.45
C THR A 189 -5.37 4.92 -8.05
N ILE A 190 -4.56 4.63 -9.09
CA ILE A 190 -3.73 5.63 -9.77
C ILE A 190 -4.65 6.71 -10.34
N THR A 191 -5.68 6.29 -11.08
CA THR A 191 -6.67 7.17 -11.72
C THR A 191 -7.72 7.69 -10.70
N LYS A 192 -7.69 7.17 -9.44
CA LYS A 192 -8.63 7.48 -8.35
C LYS A 192 -10.08 7.22 -8.82
N ASN A 193 -10.27 6.07 -9.56
CA ASN A 193 -11.52 5.58 -10.15
C ASN A 193 -11.99 6.54 -11.25
N GLY A 194 -11.09 6.79 -12.21
CA GLY A 194 -11.34 7.61 -13.38
C GLY A 194 -11.66 9.06 -13.13
N THR A 195 -11.23 9.62 -11.98
CA THR A 195 -11.47 11.02 -11.62
C THR A 195 -10.17 11.87 -11.63
N LYS A 196 -9.02 11.24 -11.31
CA LYS A 196 -7.72 11.91 -11.27
C LYS A 196 -6.60 10.92 -11.77
N PRO A 197 -6.36 10.79 -13.10
CA PRO A 197 -6.95 11.55 -14.23
C PRO A 197 -8.38 11.18 -14.60
N PRO A 198 -9.17 12.17 -15.08
CA PRO A 198 -10.53 11.86 -15.55
C PRO A 198 -10.43 11.10 -16.87
N LEU A 199 -11.07 9.94 -16.94
CA LEU A 199 -11.09 9.05 -18.10
C LEU A 199 -12.41 9.20 -18.85
N ASP A 200 -12.37 9.15 -20.19
CA ASP A 200 -13.62 9.24 -20.95
C ASP A 200 -14.23 7.83 -21.05
N ALA A 201 -15.49 7.74 -21.49
CA ALA A 201 -16.26 6.49 -21.56
C ALA A 201 -15.62 5.37 -22.41
N ASP A 202 -14.80 5.70 -23.44
CA ASP A 202 -14.16 4.71 -24.32
C ASP A 202 -13.06 3.92 -23.62
N VAL A 203 -12.58 4.46 -22.48
CA VAL A 203 -11.53 3.87 -21.63
C VAL A 203 -12.17 2.86 -20.66
N ASN A 204 -11.84 1.58 -20.83
CA ASN A 204 -12.26 0.50 -19.94
C ASN A 204 -10.98 -0.09 -19.32
N LEU A 205 -10.71 0.29 -18.04
CA LEU A 205 -9.53 -0.13 -17.28
C LEU A 205 -9.43 -1.64 -17.20
N GLU A 206 -10.58 -2.33 -17.19
CA GLU A 206 -10.67 -3.80 -17.15
C GLU A 206 -10.06 -4.42 -18.41
N ALA A 207 -10.12 -3.70 -19.56
CA ALA A 207 -9.58 -4.10 -20.86
C ALA A 207 -8.07 -3.80 -20.94
N ILE A 208 -7.64 -2.69 -20.28
CA ILE A 208 -6.25 -2.26 -20.19
C ILE A 208 -5.49 -3.26 -19.30
N ALA A 209 -6.08 -3.65 -18.14
CA ALA A 209 -5.50 -4.58 -17.16
C ALA A 209 -5.31 -5.99 -17.68
N GLY A 210 -6.18 -6.38 -18.62
CA GLY A 210 -6.17 -7.70 -19.23
C GLY A 210 -5.41 -7.79 -20.54
N ASP A 211 -4.85 -6.66 -21.02
CA ASP A 211 -4.05 -6.51 -22.25
C ASP A 211 -2.89 -7.50 -22.31
N LEU A 212 -2.38 -7.78 -23.54
CA LEU A 212 -1.29 -8.72 -23.76
C LEU A 212 0.02 -8.24 -23.12
N ARG A 213 0.45 -7.02 -23.47
CA ARG A 213 1.69 -6.39 -22.99
C ARG A 213 1.70 -6.08 -21.46
N CYS A 214 0.54 -6.16 -20.77
CA CYS A 214 0.40 -5.95 -19.32
C CYS A 214 0.66 -7.22 -18.52
N ASP A 215 0.79 -8.37 -19.18
CA ASP A 215 0.99 -9.63 -18.44
C ASP A 215 2.39 -9.73 -17.78
N CYS A 216 3.36 -8.95 -18.27
N CYS A 216 3.37 -8.96 -18.27
CA CYS A 216 4.73 -8.90 -17.76
CA CYS A 216 4.72 -8.94 -17.73
C CYS A 216 4.91 -7.68 -16.83
C CYS A 216 4.94 -7.66 -16.88
N TYR A 217 3.92 -6.77 -16.82
CA TYR A 217 3.95 -5.50 -16.08
C TYR A 217 4.08 -5.61 -14.57
N THR A 218 4.90 -4.70 -14.03
CA THR A 218 5.13 -4.45 -12.60
C THR A 218 4.14 -3.35 -12.20
N GLY A 219 4.12 -2.94 -10.92
CA GLY A 219 3.26 -1.86 -10.45
C GLY A 219 3.65 -0.53 -11.06
N ALA A 220 4.98 -0.37 -11.30
CA ALA A 220 5.65 0.79 -11.88
C ALA A 220 5.30 1.00 -13.34
N ASP A 221 5.19 -0.10 -14.13
CA ASP A 221 4.82 0.02 -15.55
C ASP A 221 3.35 0.45 -15.64
N LEU A 222 2.48 -0.08 -14.73
CA LEU A 222 1.09 0.36 -14.67
C LEU A 222 1.03 1.83 -14.30
N SER A 223 1.86 2.24 -13.32
CA SER A 223 2.02 3.60 -12.84
C SER A 223 2.54 4.49 -13.98
N ALA A 224 3.47 3.97 -14.82
CA ALA A 224 4.01 4.72 -15.98
C ALA A 224 3.02 4.78 -17.15
N LEU A 225 2.17 3.73 -17.29
CA LEU A 225 1.15 3.63 -18.33
C LEU A 225 0.17 4.78 -18.17
N VAL A 226 -0.33 5.01 -16.93
CA VAL A 226 -1.24 6.11 -16.62
C VAL A 226 -0.54 7.47 -16.81
N ARG A 227 0.71 7.64 -16.28
CA ARG A 227 1.44 8.89 -16.46
C ARG A 227 1.58 9.22 -17.95
N GLU A 228 2.15 8.32 -18.76
CA GLU A 228 2.34 8.51 -20.21
C GLU A 228 1.07 8.89 -20.93
N ALA A 229 -0.05 8.19 -20.66
CA ALA A 229 -1.38 8.49 -21.22
C ALA A 229 -1.84 9.90 -20.80
N SER A 230 -1.64 10.26 -19.50
CA SER A 230 -1.94 11.59 -18.96
C SER A 230 -1.03 12.65 -19.61
N ILE A 231 0.28 12.32 -19.82
CA ILE A 231 1.26 13.21 -20.46
C ILE A 231 0.81 13.49 -21.88
N CYS A 232 0.31 12.48 -22.60
CA CYS A 232 -0.20 12.60 -23.96
C CYS A 232 -1.36 13.60 -23.96
N ALA A 233 -2.33 13.39 -23.02
CA ALA A 233 -3.51 14.24 -22.83
C ALA A 233 -3.12 15.70 -22.53
N LEU A 234 -2.08 15.94 -21.73
CA LEU A 234 -1.61 17.29 -21.41
C LEU A 234 -0.81 17.88 -22.59
N ARG A 235 -0.04 17.04 -23.33
CA ARG A 235 0.76 17.47 -24.49
C ARG A 235 -0.12 17.96 -25.67
N GLN A 236 -1.24 17.25 -25.97
CA GLN A 236 -2.18 17.60 -27.05
C GLN A 236 -2.87 18.94 -26.79
N GLU A 237 -3.33 19.20 -25.54
CA GLU A 237 -3.98 20.44 -25.07
C GLU A 237 -3.07 21.68 -25.31
N MET A 238 -1.76 21.52 -25.13
CA MET A 238 -0.73 22.55 -25.32
C MET A 238 -0.44 22.73 -26.82
N LEU A 250 -10.21 18.54 -19.11
CA LEU A 250 -9.36 17.65 -19.90
C LEU A 250 -9.53 16.17 -19.44
N LYS A 251 -9.62 15.24 -20.42
CA LYS A 251 -9.83 13.80 -20.21
C LYS A 251 -8.75 12.93 -20.88
N VAL A 252 -8.60 11.67 -20.41
CA VAL A 252 -7.64 10.68 -20.94
C VAL A 252 -8.42 9.64 -21.73
N SER A 253 -8.12 9.56 -23.04
CA SER A 253 -8.72 8.72 -24.09
C SER A 253 -7.99 7.39 -24.27
N HIS A 254 -8.62 6.44 -25.00
CA HIS A 254 -8.05 5.13 -25.35
C HIS A 254 -6.85 5.34 -26.27
N LYS A 255 -6.93 6.40 -27.10
CA LYS A 255 -5.88 6.79 -28.03
C LYS A 255 -4.60 7.08 -27.25
N HIS A 256 -4.72 7.78 -26.08
CA HIS A 256 -3.63 8.14 -25.16
C HIS A 256 -2.99 6.89 -24.57
N PHE A 257 -3.81 5.95 -24.10
CA PHE A 257 -3.35 4.68 -23.56
C PHE A 257 -2.66 3.87 -24.63
N GLU A 258 -3.16 3.94 -25.88
CA GLU A 258 -2.55 3.23 -27.02
C GLU A 258 -1.15 3.78 -27.30
N GLU A 259 -1.02 5.12 -27.34
CA GLU A 259 0.26 5.81 -27.55
C GLU A 259 1.19 5.64 -26.33
N ALA A 260 0.60 5.50 -25.11
CA ALA A 260 1.34 5.32 -23.86
C ALA A 260 2.05 3.99 -23.80
N PHE A 261 1.45 2.91 -24.33
CA PHE A 261 2.03 1.56 -24.39
C PHE A 261 3.33 1.58 -25.20
N LYS A 262 3.35 2.43 -26.26
CA LYS A 262 4.49 2.68 -27.15
C LYS A 262 5.55 3.56 -26.44
N LYS A 263 5.22 4.13 -25.25
CA LYS A 263 6.10 5.00 -24.47
C LYS A 263 6.44 4.47 -23.06
N VAL A 264 5.96 3.26 -22.67
CA VAL A 264 6.28 2.74 -21.34
C VAL A 264 7.77 2.35 -21.30
N ARG A 265 8.58 3.33 -20.84
CA ARG A 265 10.03 3.25 -20.62
C ARG A 265 10.27 3.40 -19.12
N SER A 266 9.44 2.69 -18.32
CA SER A 266 9.52 2.62 -16.86
C SER A 266 10.80 1.90 -16.47
N SER A 267 11.44 2.35 -15.38
CA SER A 267 12.68 1.78 -14.88
C SER A 267 12.53 0.30 -14.39
N ILE A 268 11.28 -0.23 -14.42
CA ILE A 268 10.92 -1.61 -14.04
C ILE A 268 10.16 -2.30 -15.17
P PO4 B . 6.64 -0.57 -4.50
O1 PO4 B . 6.17 -2.05 -4.84
O2 PO4 B . 8.21 -0.54 -4.27
O3 PO4 B . 6.20 0.22 -5.79
O4 PO4 B . 5.88 0.07 -3.24
P PO4 C . -6.68 -6.96 20.24
O1 PO4 C . -7.06 -7.98 21.41
O2 PO4 C . -7.38 -5.59 20.59
O3 PO4 C . -5.12 -6.64 20.16
O4 PO4 C . -7.18 -7.62 18.89
#